data_7LXP
#
_entry.id   7LXP
#
_cell.length_a   51.139
_cell.length_b   19.520
_cell.length_c   60.591
_cell.angle_alpha   90.00
_cell.angle_beta   109.37
_cell.angle_gamma   90.00
#
_symmetry.space_group_name_H-M   'P 1 21 1'
#
loop_
_entity.id
_entity.type
_entity.pdbx_description
1 polymer 'Collagen mimetic peptide'
2 water water
#
_entity_poly.entity_id   1
_entity_poly.type   'polypeptide(L)'
_entity_poly.pdbx_seq_one_letter_code
;P(HYP)GP(HYP)GP(HYP)GP(HYP)G(ZPO)PGPR(XZA)P(HYP)GP(HYP)GP(HYP)GP(HYP)G
;
_entity_poly.pdbx_strand_id   A,B,C,D,E,F
#
# COMPACT_ATOMS: atom_id res chain seq x y z
N PRO A 1 31.25 27.11 7.62
CA PRO A 1 30.73 25.76 7.30
C PRO A 1 29.71 25.83 6.17
N GLY A 3 26.05 25.58 4.36
CA GLY A 3 24.72 25.91 4.83
C GLY A 3 23.90 24.70 5.17
N PRO A 4 22.70 24.92 5.70
CA PRO A 4 21.80 23.83 6.03
C PRO A 4 21.15 23.27 4.77
N GLY A 6 18.32 22.43 2.01
CA GLY A 6 17.15 23.11 1.51
C GLY A 6 15.86 22.51 2.02
N PRO A 7 14.74 23.15 1.69
CA PRO A 7 13.44 22.64 2.11
C PRO A 7 13.04 21.45 1.25
N GLY A 9 11.22 19.10 -1.45
CA GLY A 9 10.84 19.37 -2.82
C GLY A 9 9.34 19.35 -3.01
N PRO A 10 8.90 19.74 -4.21
CA PRO A 10 7.47 19.78 -4.47
C PRO A 10 6.83 18.41 -4.51
N GLY A 12 4.95 15.29 -6.12
CA GLY A 12 5.02 14.72 -7.45
C GLY A 12 3.71 14.89 -8.23
N PRO A 14 0.38 13.77 -10.45
CA PRO A 14 -0.77 12.88 -10.19
C PRO A 14 -0.47 11.47 -10.63
N GLY A 15 -1.00 10.52 -9.89
CA GLY A 15 -0.88 9.12 -10.24
C GLY A 15 -1.70 8.81 -11.48
N PRO A 16 -1.49 7.63 -12.01
CA PRO A 16 -2.21 7.22 -13.22
C PRO A 16 -3.67 6.92 -12.92
N ARG A 17 -4.48 6.96 -13.96
CA ARG A 17 -5.91 6.68 -13.82
C ARG A 17 -6.07 5.26 -13.29
N PRO A 19 -8.17 1.66 -12.46
CA PRO A 19 -8.67 0.58 -13.31
C PRO A 19 -10.08 0.85 -13.85
N GLY A 21 -13.98 0.35 -14.39
CA GLY A 21 -15.01 -0.10 -13.46
C GLY A 21 -15.46 -1.52 -13.71
N PRO A 22 -16.24 -2.07 -12.78
CA PRO A 22 -16.81 -3.40 -12.95
C PRO A 22 -17.72 -3.46 -14.17
N GLY A 24 -21.12 -3.99 -16.28
CA GLY A 24 -22.47 -3.64 -15.92
C GLY A 24 -23.35 -4.85 -15.69
N PRO A 25 -24.60 -4.62 -15.31
CA PRO A 25 -25.61 -5.65 -15.06
C PRO A 25 -25.93 -6.42 -16.32
N GLY A 27 -28.30 -7.73 -19.38
CA GLY A 27 -29.35 -7.07 -20.13
C GLY A 27 -30.69 -7.77 -19.98
N PRO A 28 -31.64 -7.49 -20.89
CA PRO A 28 -32.96 -8.15 -20.85
C PRO A 28 -32.89 -9.63 -21.20
N GLY B 3 30.29 30.18 3.95
CA GLY B 3 30.48 28.84 3.47
C GLY B 3 29.70 28.58 2.21
N PRO B 4 29.87 27.37 1.66
CA PRO B 4 29.16 26.98 0.44
C PRO B 4 27.70 26.70 0.74
N GLY B 6 24.25 24.73 1.33
CA GLY B 6 23.93 23.46 1.95
C GLY B 6 23.48 22.42 0.96
N PRO B 7 23.23 21.21 1.47
CA PRO B 7 22.73 20.13 0.63
C PRO B 7 21.35 20.43 0.05
N GLY B 9 17.44 19.91 -0.46
CA GLY B 9 16.40 19.53 0.47
C GLY B 9 15.96 18.09 0.22
N PRO B 10 15.20 17.56 1.18
CA PRO B 10 14.64 16.21 1.02
C PRO B 10 13.76 16.12 -0.22
N GLY B 12 10.49 15.65 -2.50
CA GLY B 12 9.10 15.92 -2.28
C GLY B 12 8.29 14.66 -2.14
N PRO B 14 5.13 11.98 -2.59
CA PRO B 14 4.38 11.41 -3.70
C PRO B 14 3.20 12.29 -4.03
N GLY B 15 2.84 12.32 -5.31
CA GLY B 15 1.79 13.19 -5.75
C GLY B 15 0.41 12.69 -5.34
N PRO B 16 -0.61 13.46 -5.69
CA PRO B 16 -1.98 13.02 -5.46
C PRO B 16 -2.29 11.80 -6.29
N ARG B 17 -3.30 11.06 -5.85
CA ARG B 17 -3.73 9.89 -6.57
C ARG B 17 -4.27 10.25 -7.93
N PRO B 19 -6.59 9.83 -11.40
CA PRO B 19 -8.02 9.96 -11.67
C PRO B 19 -8.74 8.64 -11.54
N GLY B 21 -10.83 5.49 -12.78
CA GLY B 21 -10.80 4.79 -14.05
C GLY B 21 -12.06 5.05 -14.86
N PRO B 22 -12.06 4.59 -16.10
CA PRO B 22 -13.24 4.74 -16.95
C PRO B 22 -14.37 3.84 -16.50
N GLY B 24 -16.96 0.87 -16.46
CA GLY B 24 -16.83 -0.50 -16.87
C GLY B 24 -17.49 -0.77 -18.20
N PRO B 25 -17.22 -1.96 -18.76
CA PRO B 25 -17.84 -2.38 -20.01
C PRO B 25 -19.32 -2.74 -19.82
N GLY B 27 -22.64 -4.87 -19.49
CA GLY B 27 -22.86 -6.18 -18.91
C GLY B 27 -23.18 -7.22 -19.97
N PRO B 28 -23.28 -8.48 -19.56
CA PRO B 28 -23.61 -9.53 -20.54
C PRO B 28 -25.09 -9.51 -20.92
N GLY B 30 -28.98 -10.88 -20.66
CA GLY B 30 -29.78 -11.37 -19.56
C GLY B 30 -30.11 -12.85 -19.68
N PRO C 1 30.74 33.08 8.13
CA PRO C 1 29.55 32.43 8.66
C PRO C 1 29.11 31.23 7.84
N GLY C 3 27.15 28.87 5.21
CA GLY C 3 26.71 29.18 3.87
C GLY C 3 25.20 29.24 3.75
N PRO C 4 24.72 29.59 2.56
CA PRO C 4 23.28 29.68 2.31
C PRO C 4 22.61 28.33 2.38
N GLY C 6 20.60 25.11 1.13
CA GLY C 6 20.58 24.39 -0.14
C GLY C 6 19.32 24.68 -0.92
N PRO C 7 19.32 24.25 -2.18
CA PRO C 7 18.11 24.38 -3.00
C PRO C 7 17.02 23.42 -2.53
N GLY C 9 14.44 20.36 -2.58
CA GLY C 9 14.62 19.01 -3.06
C GLY C 9 13.94 18.79 -4.40
N PRO C 10 14.22 17.65 -5.02
CA PRO C 10 13.53 17.30 -6.28
C PRO C 10 12.07 17.02 -6.01
N GLY C 12 8.65 14.88 -5.78
CA GLY C 12 8.36 13.49 -5.45
C GLY C 12 7.88 12.71 -6.66
N PRO C 14 5.33 10.26 -8.93
CA PRO C 14 3.89 10.20 -9.26
C PRO C 14 3.14 9.56 -8.09
N GLY C 15 1.93 10.03 -7.87
CA GLY C 15 1.13 9.50 -6.81
C GLY C 15 0.54 8.13 -7.12
N PRO C 16 -0.25 7.62 -6.17
CA PRO C 16 -0.86 6.30 -6.37
C PRO C 16 -1.88 6.33 -7.51
N ARG C 17 -2.09 5.15 -8.07
CA ARG C 17 -3.10 4.98 -9.10
C ARG C 17 -4.47 5.33 -8.51
N PRO C 19 -8.64 5.47 -8.30
CA PRO C 19 -9.66 4.46 -7.98
C PRO C 19 -10.23 3.79 -9.22
N GLY C 21 -13.06 2.73 -11.89
CA GLY C 21 -14.19 3.45 -12.40
C GLY C 21 -15.52 2.88 -11.88
N PRO C 22 -16.62 3.53 -12.24
CA PRO C 22 -17.94 3.04 -11.84
C PRO C 22 -18.37 1.87 -12.70
N GLY C 24 -20.21 -0.50 -15.40
CA GLY C 24 -20.58 -0.26 -16.77
C GLY C 24 -22.07 -0.27 -16.97
N PRO C 25 -22.52 0.02 -18.20
CA PRO C 25 -23.95 0.06 -18.51
C PRO C 25 -24.57 -1.32 -18.48
N GLY C 27 -26.26 -4.62 -19.87
CA GLY C 27 -25.97 -5.33 -21.09
C GLY C 27 -27.10 -5.29 -22.11
N PRO C 28 -26.84 -5.82 -23.32
CA PRO C 28 -27.90 -5.89 -24.34
C PRO C 28 -28.69 -7.19 -24.22
N GLY D 3 -29.70 -29.59 -4.19
CA GLY D 3 -28.53 -29.62 -5.04
C GLY D 3 -27.26 -29.85 -4.24
N PRO D 4 -26.14 -30.09 -4.94
CA PRO D 4 -24.87 -30.30 -4.26
C PRO D 4 -24.36 -29.03 -3.57
N GLY D 6 -21.99 -25.92 -2.71
CA GLY D 6 -21.13 -25.12 -3.54
C GLY D 6 -19.68 -25.28 -3.21
N PRO D 7 -18.81 -24.64 -4.00
CA PRO D 7 -17.37 -24.67 -3.77
C PRO D 7 -17.00 -23.93 -2.49
N GLY D 9 -15.41 -21.01 -0.36
CA GLY D 9 -15.34 -19.58 -0.63
C GLY D 9 -13.95 -19.13 -1.00
N PRO D 10 -13.85 -17.87 -1.39
CA PRO D 10 -12.56 -17.30 -1.78
C PRO D 10 -11.69 -17.16 -0.55
N GLY D 12 -9.51 -15.41 2.36
CA GLY D 12 -9.71 -14.20 3.13
C GLY D 12 -8.67 -13.14 2.82
N PRO D 14 -5.65 -10.33 3.63
CA PRO D 14 -4.36 -10.43 4.31
C PRO D 14 -4.47 -10.27 5.81
N GLY D 15 -3.52 -10.85 6.51
CA GLY D 15 -3.45 -10.70 7.93
C GLY D 15 -2.99 -9.31 8.29
N PRO D 16 -3.04 -8.98 9.57
CA PRO D 16 -2.53 -7.67 10.01
C PRO D 16 -1.03 -7.59 9.76
N ARG D 17 -0.56 -6.37 9.65
CA ARG D 17 0.86 -6.09 9.50
C ARG D 17 1.61 -6.62 10.70
N PRO D 19 4.86 -7.21 13.42
CA PRO D 19 5.39 -6.36 14.49
C PRO D 19 6.50 -5.45 13.99
N GLY D 21 10.26 -4.05 13.85
CA GLY D 21 11.50 -4.77 13.95
C GLY D 21 12.20 -4.54 15.27
N PRO D 22 13.30 -5.26 15.50
CA PRO D 22 14.07 -5.04 16.73
C PRO D 22 14.75 -3.67 16.72
N GLY D 24 17.59 -0.81 16.60
CA GLY D 24 18.79 -0.74 15.79
C GLY D 24 20.02 -0.96 16.64
N PRO D 25 21.17 -1.09 15.99
CA PRO D 25 22.43 -1.27 16.73
C PRO D 25 22.88 0.04 17.38
N GLY D 27 24.92 3.41 18.13
CA GLY D 27 25.60 4.38 17.30
C GLY D 27 27.11 4.25 17.43
N PRO D 28 27.85 4.88 16.51
CA PRO D 28 29.32 4.85 16.57
C PRO D 28 29.85 5.70 17.70
N GLY D 30 31.94 8.69 19.73
CA GLY D 30 32.13 10.11 19.46
C GLY D 30 33.59 10.45 19.17
N PRO E 1 -34.33 -27.40 -4.74
CA PRO E 1 -33.76 -26.05 -4.84
C PRO E 1 -32.25 -26.08 -5.03
N GLY E 3 -28.30 -25.97 -4.28
CA GLY E 3 -27.57 -26.56 -3.16
C GLY E 3 -27.13 -25.51 -2.16
N PRO E 4 -26.63 -25.97 -1.02
CA PRO E 4 -26.20 -25.02 0.02
C PRO E 4 -24.89 -24.35 -0.33
N GLY E 6 -21.07 -23.32 -0.18
CA GLY E 6 -19.94 -24.13 0.18
C GLY E 6 -19.35 -23.70 1.51
N PRO E 7 -18.34 -24.43 1.97
CA PRO E 7 -17.67 -24.06 3.22
C PRO E 7 -16.95 -22.70 3.09
N GLY E 9 -13.90 -20.11 2.81
CA GLY E 9 -12.69 -20.20 2.07
C GLY E 9 -11.47 -20.32 2.95
N PRO E 10 -10.30 -20.48 2.33
CA PRO E 10 -9.07 -20.60 3.10
C PRO E 10 -8.69 -19.28 3.76
N GLY E 12 -6.50 -16.03 4.37
CA GLY E 12 -5.77 -15.22 3.43
C GLY E 12 -4.27 -15.26 3.64
N PRO E 14 -0.43 -14.03 4.42
CA PRO E 14 0.22 -13.40 5.56
C PRO E 14 0.20 -11.89 5.42
N GLY E 15 0.05 -11.19 6.51
CA GLY E 15 0.06 -9.77 6.53
C GLY E 15 1.43 -9.26 6.11
N PRO E 16 1.51 -7.99 5.77
CA PRO E 16 2.79 -7.43 5.33
C PRO E 16 3.74 -7.26 6.50
N ARG E 17 4.99 -7.06 6.15
CA ARG E 17 6.04 -6.85 7.12
C ARG E 17 5.77 -5.61 7.94
N PRO E 19 6.64 -2.45 10.58
CA PRO E 19 7.49 -1.26 10.44
C PRO E 19 8.91 -1.49 10.93
N GLY E 21 12.23 -1.14 13.16
CA GLY E 21 12.37 -1.08 14.61
C GLY E 21 12.75 0.31 15.07
N PRO E 22 12.73 0.52 16.41
CA PRO E 22 13.18 1.79 16.96
C PRO E 22 14.66 2.02 16.69
N GLY E 24 18.57 2.52 17.45
CA GLY E 24 19.43 1.99 18.47
C GLY E 24 19.86 3.03 19.48
N PRO E 25 20.52 2.59 20.55
CA PRO E 25 21.02 3.52 21.58
C PRO E 25 22.21 4.31 21.07
N GLY E 27 26.03 5.83 20.66
CA GLY E 27 27.38 5.36 20.90
C GLY E 27 27.95 6.05 22.13
N PRO E 28 29.12 5.62 22.59
CA PRO E 28 29.73 6.22 23.78
C PRO E 28 30.52 7.49 23.50
N GLY E 30 34.20 9.99 24.52
CA GLY E 30 35.64 9.76 24.44
C GLY E 30 36.29 9.72 25.80
N GLY F 3 -31.21 -30.20 -7.43
CA GLY F 3 -31.25 -28.86 -8.00
C GLY F 3 -29.86 -28.41 -8.39
N PRO F 4 -29.73 -27.16 -8.83
CA PRO F 4 -28.44 -26.59 -9.21
C PRO F 4 -27.44 -26.64 -8.05
N GLY F 6 -24.82 -25.39 -5.23
CA GLY F 6 -24.84 -24.22 -4.38
C GLY F 6 -23.78 -23.22 -4.79
N PRO F 7 -23.88 -22.00 -4.26
CA PRO F 7 -22.91 -20.96 -4.58
C PRO F 7 -21.63 -21.10 -3.75
N GLY F 9 -18.87 -20.59 -0.99
CA GLY F 9 -19.00 -20.30 0.43
C GLY F 9 -18.51 -18.94 0.84
N PRO F 10 -18.65 -18.62 2.12
CA PRO F 10 -18.18 -17.35 2.66
C PRO F 10 -16.69 -17.20 2.45
N GLY F 12 -12.83 -16.78 3.45
CA GLY F 12 -12.03 -17.27 4.55
C GLY F 12 -11.59 -16.15 5.48
N PRO F 14 -9.08 -13.66 7.63
CA PRO F 14 -7.80 -12.96 7.37
C PRO F 14 -6.65 -13.88 7.65
N GLY F 15 -5.55 -13.65 6.96
CA GLY F 15 -4.37 -14.47 7.12
C GLY F 15 -3.64 -14.17 8.43
N PRO F 16 -2.54 -14.87 8.62
CA PRO F 16 -1.71 -14.64 9.81
C PRO F 16 -1.05 -13.26 9.76
N ARG F 17 -0.68 -12.79 10.95
CA ARG F 17 0.04 -11.51 11.05
C ARG F 17 1.34 -11.62 10.29
N PRO F 19 5.26 -10.65 9.13
CA PRO F 19 6.53 -10.86 9.83
C PRO F 19 7.04 -9.55 10.42
N GLY F 21 9.25 -6.21 11.08
CA GLY F 21 9.98 -5.29 10.24
C GLY F 21 11.48 -5.42 10.38
N PRO F 22 12.21 -4.67 9.54
CA PRO F 22 13.67 -4.68 9.66
C PRO F 22 14.16 -4.05 10.97
N GLY F 24 15.82 -1.44 13.42
CA GLY F 24 15.76 0.01 13.38
C GLY F 24 17.11 0.59 12.96
N PRO F 25 17.13 1.89 12.71
CA PRO F 25 18.39 2.54 12.34
C PRO F 25 19.39 2.48 13.45
N GLY F 27 21.80 3.88 16.25
CA GLY F 27 21.62 5.05 17.11
C GLY F 27 22.58 6.19 16.74
N PRO F 28 22.39 7.33 17.39
CA PRO F 28 23.23 8.51 17.14
C PRO F 28 24.68 8.26 17.52
N GLY F 30 28.10 8.90 19.53
CA GLY F 30 28.34 9.33 20.90
C GLY F 30 28.98 10.70 20.96
#